data_6VNG
#
_entry.id   6VNG
#
_cell.length_a   112.394
_cell.length_b   112.394
_cell.length_c   70.562
_cell.angle_alpha   90.000
_cell.angle_beta   90.000
_cell.angle_gamma   90.000
#
_symmetry.space_group_name_H-M   'P 41'
#
loop_
_entity.id
_entity.type
_entity.pdbx_description
1 polymer 'Tyrosine-protein kinase JAK2'
2 non-polymer N-{2-fluoro-5-[(2-{[3-fluoro-4-(1-methylpiperidin-4-yl)phenyl]amino}-5-methylpyrimidin-4-yl)amino]phenyl}-2-methylpropane-2-sulfonamide
3 water water
#
_entity_poly.entity_id   1
_entity_poly.type   'polypeptide(L)'
_entity_poly.pdbx_seq_one_letter_code
;HHHHHHHHENLYFQGDPTQFEERHLKFLQQLGKGNFGSVEMCRYDPLQDNTGEVVAVKKLQHSTEEHLRDFEREIEILKS
LQHDNIVKYKGVCYSAGRRNLKLIMEYLPYGSLRDYLQKHKERIDHIKLLQYTSQICKGMEYLGTKRYIHRDLATRNILV
ENENRVKIGDFGLTKVLPQDKE(PTR)YKVKEPGESPIFWYAPESLTESKFSVASDVWSFGVVLYELFTYIEKSKSPPAE
FMRMIGNDKQGQMIVFHLIELLKNNGRLPRPDGCPDEIYMIMTECWNNNVNQRPSFRDLALRVDQIRDNMAG
;
_entity_poly.pdbx_strand_id   B,A
#
loop_
_chem_comp.id
_chem_comp.type
_chem_comp.name
_chem_comp.formula
R6M non-polymer N-{2-fluoro-5-[(2-{[3-fluoro-4-(1-methylpiperidin-4-yl)phenyl]amino}-5-methylpyrimidin-4-yl)amino]phenyl}-2-methylpropane-2-sulfonamide 'C27 H34 F2 N6 O2 S'
#
# COMPACT_ATOMS: atom_id res chain seq x y z
N GLN A 19 -18.35 -5.28 -27.32
CA GLN A 19 -19.16 -6.48 -27.25
C GLN A 19 -20.64 -6.15 -27.45
N PHE A 20 -21.00 -4.89 -27.20
CA PHE A 20 -22.37 -4.43 -27.29
C PHE A 20 -22.56 -3.66 -28.59
N GLU A 21 -23.63 -3.98 -29.32
CA GLU A 21 -23.96 -3.29 -30.55
C GLU A 21 -24.90 -2.14 -30.25
N GLU A 22 -24.54 -0.95 -30.72
CA GLU A 22 -25.37 0.23 -30.49
C GLU A 22 -26.78 0.01 -31.03
N ARG A 23 -26.87 -0.75 -32.13
CA ARG A 23 -28.13 -1.16 -32.73
C ARG A 23 -29.13 -1.74 -31.71
N HIS A 24 -28.64 -2.39 -30.66
CA HIS A 24 -29.49 -3.10 -29.72
C HIS A 24 -29.64 -2.41 -28.36
N LEU A 25 -29.00 -1.26 -28.16
CA LEU A 25 -29.19 -0.49 -26.93
C LEU A 25 -30.45 0.34 -27.03
N LYS A 26 -31.39 0.10 -26.13
CA LYS A 26 -32.70 0.77 -26.10
C LYS A 26 -32.70 1.78 -24.98
N PHE A 27 -32.64 3.07 -25.31
CA PHE A 27 -32.67 4.10 -24.30
C PHE A 27 -33.96 4.04 -23.49
N LEU A 28 -33.83 3.99 -22.17
CA LEU A 28 -34.96 4.04 -21.26
C LEU A 28 -35.05 5.35 -20.49
N GLN A 29 -33.95 5.85 -19.95
CA GLN A 29 -33.99 7.07 -19.14
C GLN A 29 -32.58 7.62 -18.98
N GLN A 30 -32.48 8.88 -18.60
CA GLN A 30 -31.20 9.44 -18.17
C GLN A 30 -31.12 9.34 -16.66
N LEU A 31 -30.04 8.76 -16.17
CA LEU A 31 -29.88 8.60 -14.73
C LEU A 31 -29.18 9.81 -14.11
N GLY A 32 -28.22 10.38 -14.81
CA GLY A 32 -27.53 11.55 -14.31
C GLY A 32 -26.43 11.97 -15.27
N LYS A 33 -26.03 13.22 -15.14
CA LYS A 33 -24.98 13.79 -15.98
C LYS A 33 -23.97 14.47 -15.07
N GLY A 34 -22.70 14.18 -15.28
CA GLY A 34 -21.63 14.69 -14.45
C GLY A 34 -20.62 15.53 -15.20
N ASN A 35 -19.35 15.31 -14.88
CA ASN A 35 -18.26 16.10 -15.47
C ASN A 35 -17.98 15.56 -16.86
N PHE A 36 -18.56 16.21 -17.87
CA PHE A 36 -18.35 15.93 -19.30
C PHE A 36 -19.02 14.64 -19.75
N GLY A 37 -19.78 13.96 -18.88
CA GLY A 37 -20.42 12.72 -19.26
C GLY A 37 -21.83 12.61 -18.71
N SER A 38 -22.53 11.60 -19.18
CA SER A 38 -23.89 11.29 -18.74
C SER A 38 -24.03 9.78 -18.64
N VAL A 39 -24.98 9.35 -17.81
CA VAL A 39 -25.30 7.94 -17.62
C VAL A 39 -26.77 7.74 -17.93
N GLU A 40 -27.07 6.72 -18.72
CA GLU A 40 -28.43 6.40 -19.12
C GLU A 40 -28.76 4.97 -18.74
N MET A 41 -29.98 4.78 -18.24
CA MET A 41 -30.54 3.45 -18.10
C MET A 41 -31.04 3.01 -19.47
N CYS A 42 -30.48 1.91 -19.98
CA CYS A 42 -30.90 1.32 -21.25
C CYS A 42 -31.23 -0.15 -21.04
N ARG A 43 -31.77 -0.77 -22.09
CA ARG A 43 -32.00 -2.21 -22.12
C ARG A 43 -31.27 -2.80 -23.30
N TYR A 44 -30.29 -3.66 -23.04
CA TYR A 44 -29.64 -4.43 -24.09
C TYR A 44 -30.54 -5.62 -24.45
N ASP A 45 -31.12 -5.56 -25.64
CA ASP A 45 -32.10 -6.54 -26.10
C ASP A 45 -31.75 -6.94 -27.53
N PRO A 46 -30.66 -7.69 -27.71
CA PRO A 46 -30.24 -8.06 -29.07
C PRO A 46 -31.24 -8.95 -29.78
N LEU A 47 -31.94 -9.83 -29.07
CA LEU A 47 -32.92 -10.70 -29.70
C LEU A 47 -34.21 -9.97 -30.08
N GLN A 48 -34.35 -8.69 -29.71
CA GLN A 48 -35.55 -7.90 -29.97
C GLN A 48 -36.81 -8.56 -29.41
N ASP A 49 -36.66 -9.47 -28.44
CA ASP A 49 -37.78 -10.16 -27.83
C ASP A 49 -38.01 -9.72 -26.39
N ASN A 50 -37.42 -8.59 -25.99
CA ASN A 50 -37.60 -7.99 -24.67
C ASN A 50 -37.18 -8.92 -23.54
N THR A 51 -36.20 -9.79 -23.78
CA THR A 51 -35.55 -10.53 -22.71
C THR A 51 -34.18 -9.96 -22.36
N GLY A 52 -33.74 -8.92 -23.05
CA GLY A 52 -32.46 -8.31 -22.74
C GLY A 52 -32.45 -7.72 -21.34
N GLU A 53 -31.25 -7.43 -20.86
CA GLU A 53 -31.04 -6.96 -19.49
C GLU A 53 -30.90 -5.44 -19.45
N VAL A 54 -31.39 -4.84 -18.37
CA VAL A 54 -31.23 -3.41 -18.14
C VAL A 54 -29.80 -3.12 -17.69
N VAL A 55 -29.15 -2.18 -18.35
CA VAL A 55 -27.76 -1.82 -18.05
C VAL A 55 -27.63 -0.31 -17.93
N ALA A 56 -26.51 0.12 -17.37
CA ALA A 56 -26.15 1.52 -17.32
C ALA A 56 -25.12 1.82 -18.41
N VAL A 57 -25.31 2.93 -19.11
CA VAL A 57 -24.46 3.31 -20.23
C VAL A 57 -23.92 4.70 -19.97
N LYS A 58 -22.59 4.83 -19.88
CA LYS A 58 -21.93 6.11 -19.70
C LYS A 58 -21.39 6.59 -21.04
N LYS A 59 -21.64 7.86 -21.35
CA LYS A 59 -21.17 8.47 -22.58
C LYS A 59 -20.63 9.87 -22.28
N LEU A 60 -19.83 10.38 -23.21
CA LEU A 60 -19.28 11.72 -23.16
C LEU A 60 -20.22 12.68 -23.87
N GLN A 61 -20.20 13.96 -23.48
CA GLN A 61 -21.03 14.87 -24.27
C GLN A 61 -20.24 15.82 -25.16
N HIS A 62 -18.97 16.02 -24.93
CA HIS A 62 -18.12 16.61 -25.96
C HIS A 62 -17.01 15.60 -26.19
N SER A 63 -17.15 14.81 -27.25
CA SER A 63 -16.26 13.68 -27.50
C SER A 63 -14.97 14.19 -28.15
N THR A 64 -14.37 15.17 -27.45
CA THR A 64 -13.03 15.64 -27.73
C THR A 64 -12.01 14.51 -27.63
N GLU A 65 -10.83 14.75 -28.18
CA GLU A 65 -9.77 13.73 -28.11
C GLU A 65 -9.13 13.62 -26.72
N GLU A 66 -8.94 14.75 -26.02
CA GLU A 66 -8.66 14.70 -24.57
C GLU A 66 -9.65 13.85 -23.82
N HIS A 67 -10.90 14.28 -23.86
CA HIS A 67 -11.92 13.63 -23.06
C HIS A 67 -12.06 12.18 -23.47
N LEU A 68 -11.79 11.86 -24.73
CA LEU A 68 -11.92 10.48 -25.17
C LEU A 68 -10.78 9.60 -24.69
N ARG A 69 -9.52 10.08 -24.69
CA ARG A 69 -8.50 9.21 -24.12
C ARG A 69 -8.59 9.15 -22.60
N ASP A 70 -9.02 10.24 -21.95
CA ASP A 70 -9.34 10.16 -20.52
C ASP A 70 -10.38 9.08 -20.28
N PHE A 71 -11.42 9.05 -21.13
CA PHE A 71 -12.50 8.08 -21.00
C PHE A 71 -12.02 6.65 -21.24
N GLU A 72 -11.10 6.47 -22.19
CA GLU A 72 -10.56 5.13 -22.44
C GLU A 72 -9.69 4.67 -21.27
N ARG A 73 -8.94 5.58 -20.65
CA ARG A 73 -8.20 5.21 -19.46
C ARG A 73 -9.15 4.81 -18.34
N GLU A 74 -10.27 5.54 -18.21
CA GLU A 74 -11.28 5.18 -17.22
C GLU A 74 -11.85 3.79 -17.49
N ILE A 75 -12.13 3.49 -18.76
CA ILE A 75 -12.68 2.19 -19.10
C ILE A 75 -11.70 1.08 -18.76
N GLU A 76 -10.41 1.28 -19.06
CA GLU A 76 -9.41 0.29 -18.69
C GLU A 76 -9.36 0.09 -17.19
N ILE A 77 -9.37 1.20 -16.44
CA ILE A 77 -9.33 1.12 -14.98
C ILE A 77 -10.51 0.27 -14.48
N LEU A 78 -11.72 0.59 -14.93
CA LEU A 78 -12.88 -0.14 -14.44
C LEU A 78 -12.80 -1.61 -14.83
N LYS A 79 -12.38 -1.89 -16.06
CA LYS A 79 -12.25 -3.28 -16.51
C LYS A 79 -11.24 -4.03 -15.65
N SER A 80 -10.27 -3.33 -15.08
CA SER A 80 -9.25 -3.95 -14.23
C SER A 80 -9.69 -4.14 -12.78
N LEU A 81 -10.89 -3.73 -12.39
CA LEU A 81 -11.32 -3.79 -11.01
C LEU A 81 -12.33 -4.91 -10.86
N GLN A 82 -12.15 -5.78 -9.86
CA GLN A 82 -13.12 -6.85 -9.64
C GLN A 82 -13.29 -6.92 -8.13
N HIS A 83 -14.48 -6.57 -7.62
CA HIS A 83 -14.67 -6.47 -6.18
C HIS A 83 -16.15 -6.26 -5.87
N ASP A 84 -16.59 -6.84 -4.75
CA ASP A 84 -18.00 -6.79 -4.37
C ASP A 84 -18.52 -5.37 -4.17
N ASN A 85 -17.63 -4.42 -3.87
CA ASN A 85 -18.03 -3.03 -3.64
C ASN A 85 -17.48 -2.10 -4.71
N ILE A 86 -17.36 -2.61 -5.94
CA ILE A 86 -17.06 -1.82 -7.13
C ILE A 86 -18.05 -2.21 -8.20
N VAL A 87 -18.59 -1.20 -8.91
CA VAL A 87 -19.61 -1.48 -9.90
C VAL A 87 -19.02 -2.32 -11.03
N LYS A 88 -19.81 -3.26 -11.53
CA LYS A 88 -19.31 -4.24 -12.49
C LYS A 88 -19.26 -3.61 -13.88
N TYR A 89 -18.06 -3.62 -14.48
CA TYR A 89 -17.93 -3.38 -15.90
C TYR A 89 -18.54 -4.54 -16.67
N LYS A 90 -19.23 -4.24 -17.77
CA LYS A 90 -19.77 -5.27 -18.63
C LYS A 90 -19.19 -5.25 -20.03
N GLY A 91 -18.85 -4.09 -20.55
CA GLY A 91 -18.26 -4.00 -21.88
C GLY A 91 -18.27 -2.58 -22.39
N VAL A 92 -17.98 -2.47 -23.68
CA VAL A 92 -18.02 -1.19 -24.38
C VAL A 92 -18.88 -1.35 -25.61
N CYS A 93 -19.31 -0.22 -26.15
CA CYS A 93 -20.08 -0.15 -27.38
C CYS A 93 -19.69 1.10 -28.13
N TYR A 94 -19.38 0.98 -29.42
CA TYR A 94 -18.98 2.13 -30.21
C TYR A 94 -19.68 2.09 -31.55
N SER A 95 -20.04 3.27 -32.04
CA SER A 95 -20.59 3.50 -33.37
C SER A 95 -19.75 2.90 -34.49
N ALA A 96 -20.22 3.04 -35.73
CA ALA A 96 -19.40 2.69 -36.88
C ALA A 96 -18.11 3.50 -36.84
N GLY A 97 -16.99 2.81 -37.05
CA GLY A 97 -15.70 3.38 -36.73
C GLY A 97 -15.43 3.25 -35.24
N ARG A 98 -14.89 4.31 -34.62
CA ARG A 98 -14.62 4.29 -33.19
C ARG A 98 -15.18 5.53 -32.49
N ARG A 99 -15.92 6.37 -33.20
CA ARG A 99 -16.63 7.49 -32.61
C ARG A 99 -17.73 7.00 -31.67
N ASN A 100 -18.10 7.86 -30.73
CA ASN A 100 -19.24 7.64 -29.84
C ASN A 100 -19.01 6.44 -28.93
N LEU A 101 -17.84 6.40 -28.32
CA LEU A 101 -17.50 5.32 -27.39
C LEU A 101 -18.39 5.40 -26.15
N LYS A 102 -18.96 4.26 -25.76
CA LYS A 102 -19.84 4.16 -24.60
C LYS A 102 -19.40 3.03 -23.69
N LEU A 103 -19.51 3.27 -22.38
CA LEU A 103 -19.12 2.31 -21.36
C LEU A 103 -20.36 1.63 -20.80
N ILE A 104 -20.40 0.31 -20.86
CA ILE A 104 -21.54 -0.48 -20.36
C ILE A 104 -21.19 -1.02 -18.98
N MET A 105 -22.09 -0.80 -18.02
CA MET A 105 -21.93 -1.28 -16.66
C MET A 105 -23.24 -1.91 -16.19
N GLU A 106 -23.13 -2.71 -15.13
CA GLU A 106 -24.33 -3.24 -14.50
C GLU A 106 -25.20 -2.10 -13.99
N TYR A 107 -26.51 -2.35 -13.92
CA TYR A 107 -27.46 -1.36 -13.45
C TYR A 107 -27.78 -1.65 -12.00
N LEU A 108 -27.55 -0.65 -11.13
CA LEU A 108 -27.89 -0.80 -9.71
C LEU A 108 -29.20 -0.08 -9.45
N PRO A 109 -30.21 -0.78 -8.93
CA PRO A 109 -31.60 -0.28 -9.04
C PRO A 109 -32.00 0.76 -8.01
N TYR A 110 -31.16 1.09 -7.03
CA TYR A 110 -31.57 2.00 -5.97
C TYR A 110 -30.88 3.36 -6.05
N GLY A 111 -30.11 3.61 -7.11
CA GLY A 111 -29.52 4.92 -7.31
C GLY A 111 -28.34 5.20 -6.37
N SER A 112 -27.94 6.47 -6.37
CA SER A 112 -26.84 6.93 -5.53
C SER A 112 -27.13 6.72 -4.05
N LEU A 113 -26.08 6.49 -3.28
CA LEU A 113 -26.23 6.43 -1.83
C LEU A 113 -26.78 7.72 -1.26
N ARG A 114 -26.49 8.86 -1.89
CA ARG A 114 -27.01 10.15 -1.42
C ARG A 114 -28.53 10.15 -1.41
N ASP A 115 -29.14 9.93 -2.58
CA ASP A 115 -30.59 9.95 -2.66
C ASP A 115 -31.22 8.83 -1.85
N TYR A 116 -30.62 7.64 -1.89
CA TYR A 116 -31.16 6.50 -1.14
C TYR A 116 -31.21 6.81 0.35
N LEU A 117 -30.12 7.34 0.89
CA LEU A 117 -30.08 7.68 2.31
C LEU A 117 -31.09 8.77 2.62
N GLN A 118 -31.29 9.70 1.68
CA GLN A 118 -32.25 10.77 1.95
C GLN A 118 -33.69 10.24 1.95
N LYS A 119 -33.96 9.21 1.15
CA LYS A 119 -35.32 8.69 1.03
C LYS A 119 -35.70 7.81 2.21
N HIS A 120 -34.77 7.01 2.74
CA HIS A 120 -35.05 6.04 3.79
C HIS A 120 -34.36 6.38 5.11
N LYS A 121 -34.21 7.67 5.41
CA LYS A 121 -33.41 8.07 6.57
C LYS A 121 -33.98 7.56 7.90
N GLU A 122 -35.31 7.40 8.00
CA GLU A 122 -35.90 6.91 9.24
C GLU A 122 -35.75 5.40 9.43
N ARG A 123 -35.43 4.68 8.37
CA ARG A 123 -35.23 3.23 8.48
C ARG A 123 -33.76 2.83 8.62
N ILE A 124 -32.83 3.70 8.22
CA ILE A 124 -31.42 3.37 8.19
C ILE A 124 -30.80 3.87 9.51
N ASP A 125 -30.41 2.94 10.36
CA ASP A 125 -29.82 3.29 11.64
C ASP A 125 -28.29 3.33 11.54
N HIS A 126 -27.64 3.62 12.67
CA HIS A 126 -26.19 3.84 12.66
C HIS A 126 -25.43 2.57 12.29
N ILE A 127 -25.92 1.41 12.73
CA ILE A 127 -25.24 0.16 12.38
C ILE A 127 -25.26 -0.05 10.87
N LYS A 128 -26.37 0.36 10.22
CA LYS A 128 -26.44 0.26 8.77
C LYS A 128 -25.47 1.24 8.10
N LEU A 129 -25.41 2.47 8.63
CA LEU A 129 -24.44 3.43 8.13
C LEU A 129 -23.03 2.86 8.21
N LEU A 130 -22.72 2.18 9.31
CA LEU A 130 -21.37 1.62 9.48
C LEU A 130 -21.13 0.44 8.56
N GLN A 131 -22.16 -0.36 8.28
CA GLN A 131 -22.02 -1.39 7.26
C GLN A 131 -21.62 -0.78 5.91
N TYR A 132 -22.34 0.27 5.50
CA TYR A 132 -21.99 0.96 4.26
C TYR A 132 -20.55 1.49 4.33
N THR A 133 -20.19 2.10 5.46
CA THR A 133 -18.84 2.65 5.63
C THR A 133 -17.77 1.59 5.46
N SER A 134 -17.98 0.42 6.08
CA SER A 134 -17.02 -0.65 5.98
C SER A 134 -16.88 -1.14 4.54
N GLN A 135 -18.00 -1.23 3.82
CA GLN A 135 -17.95 -1.62 2.42
C GLN A 135 -17.19 -0.59 1.58
N ILE A 136 -17.43 0.70 1.85
CA ILE A 136 -16.73 1.76 1.13
C ILE A 136 -15.23 1.66 1.38
N CYS A 137 -14.82 1.33 2.61
CA CYS A 137 -13.39 1.31 2.87
C CYS A 137 -12.73 0.05 2.35
N LYS A 138 -13.48 -1.03 2.19
CA LYS A 138 -12.92 -2.19 1.51
C LYS A 138 -12.74 -1.93 0.03
N GLY A 139 -13.72 -1.27 -0.60
CA GLY A 139 -13.55 -0.87 -1.99
C GLY A 139 -12.36 0.05 -2.19
N MET A 140 -12.21 1.06 -1.32
CA MET A 140 -11.11 2.00 -1.45
C MET A 140 -9.77 1.32 -1.22
N GLU A 141 -9.70 0.37 -0.27
CA GLU A 141 -8.46 -0.35 -0.04
C GLU A 141 -8.08 -1.18 -1.26
N TYR A 142 -9.07 -1.79 -1.91
CA TYR A 142 -8.79 -2.49 -3.16
C TYR A 142 -8.19 -1.52 -4.20
N LEU A 143 -8.82 -0.36 -4.35
CA LEU A 143 -8.30 0.67 -5.25
C LEU A 143 -6.84 0.98 -4.94
N GLY A 144 -6.53 1.18 -3.67
CA GLY A 144 -5.17 1.50 -3.28
C GLY A 144 -4.19 0.37 -3.57
N THR A 145 -4.60 -0.88 -3.34
CA THR A 145 -3.73 -1.99 -3.69
C THR A 145 -3.44 -2.02 -5.18
N LYS A 146 -4.34 -1.49 -5.99
CA LYS A 146 -4.03 -1.33 -7.41
C LYS A 146 -3.41 0.03 -7.71
N ARG A 147 -3.03 0.79 -6.69
CA ARG A 147 -2.39 2.11 -6.84
C ARG A 147 -3.26 3.09 -7.62
N TYR A 148 -4.58 2.98 -7.48
CA TYR A 148 -5.52 3.92 -8.08
C TYR A 148 -5.92 4.98 -7.06
N ILE A 149 -6.04 6.23 -7.51
CA ILE A 149 -6.53 7.33 -6.69
C ILE A 149 -7.88 7.77 -7.23
N HIS A 150 -8.92 7.64 -6.41
CA HIS A 150 -10.28 7.91 -6.87
C HIS A 150 -10.53 9.41 -7.08
N ARG A 151 -10.10 10.23 -6.11
CA ARG A 151 -10.13 11.69 -6.18
C ARG A 151 -11.52 12.30 -6.02
N ASP A 152 -12.56 11.57 -6.41
CA ASP A 152 -13.90 12.15 -6.49
C ASP A 152 -14.89 11.53 -5.52
N LEU A 153 -14.43 10.72 -4.56
CA LEU A 153 -15.34 9.95 -3.72
C LEU A 153 -16.31 10.85 -2.97
N ALA A 154 -17.59 10.56 -3.13
CA ALA A 154 -18.69 11.28 -2.49
C ALA A 154 -19.91 10.38 -2.55
N THR A 155 -20.87 10.62 -1.65
CA THR A 155 -22.06 9.76 -1.61
C THR A 155 -22.82 9.76 -2.92
N ARG A 156 -22.74 10.86 -3.68
CA ARG A 156 -23.37 10.88 -5.00
C ARG A 156 -22.69 9.90 -5.97
N ASN A 157 -21.44 9.53 -5.72
CA ASN A 157 -20.73 8.56 -6.54
C ASN A 157 -20.85 7.14 -6.03
N ILE A 158 -21.56 6.92 -4.92
CA ILE A 158 -21.72 5.59 -4.34
C ILE A 158 -23.11 5.09 -4.67
N LEU A 159 -23.19 3.92 -5.29
CA LEU A 159 -24.45 3.35 -5.74
C LEU A 159 -24.89 2.24 -4.79
N VAL A 160 -26.19 1.97 -4.83
CA VAL A 160 -26.81 1.01 -3.91
C VAL A 160 -27.34 -0.14 -4.73
N GLU A 161 -26.75 -1.33 -4.56
CA GLU A 161 -27.27 -2.51 -5.25
C GLU A 161 -28.51 -3.04 -4.54
N ASN A 162 -28.49 -3.03 -3.21
CA ASN A 162 -29.65 -3.32 -2.39
C ASN A 162 -29.37 -2.79 -1.00
N GLU A 163 -30.30 -3.03 -0.07
CA GLU A 163 -30.20 -2.46 1.27
C GLU A 163 -28.99 -2.96 2.03
N ASN A 164 -28.32 -4.00 1.55
CA ASN A 164 -27.16 -4.57 2.23
C ASN A 164 -25.85 -4.40 1.46
N ARG A 165 -25.87 -3.78 0.28
CA ARG A 165 -24.64 -3.65 -0.49
C ARG A 165 -24.59 -2.32 -1.24
N VAL A 166 -23.46 -1.62 -1.06
CA VAL A 166 -23.16 -0.42 -1.83
C VAL A 166 -21.87 -0.66 -2.61
N LYS A 167 -21.70 0.09 -3.69
CA LYS A 167 -20.56 -0.05 -4.57
C LYS A 167 -20.07 1.33 -5.00
N ILE A 168 -18.75 1.49 -5.06
CA ILE A 168 -18.18 2.68 -5.68
C ILE A 168 -18.49 2.63 -7.17
N GLY A 169 -19.13 3.68 -7.68
CA GLY A 169 -19.85 3.55 -8.94
C GLY A 169 -19.40 4.43 -10.10
N ASP A 170 -18.36 5.23 -9.92
CA ASP A 170 -17.87 6.06 -11.02
C ASP A 170 -16.39 6.36 -10.82
N PHE A 171 -15.63 6.29 -11.91
CA PHE A 171 -14.18 6.43 -11.86
C PHE A 171 -13.69 7.46 -12.88
N GLY A 172 -14.53 8.43 -13.23
CA GLY A 172 -14.16 9.43 -14.21
C GLY A 172 -12.98 10.29 -13.82
N LEU A 173 -12.64 10.36 -12.54
CA LEU A 173 -11.50 11.15 -12.08
C LEU A 173 -10.36 10.29 -11.57
N THR A 174 -10.47 8.97 -11.67
CA THR A 174 -9.46 8.10 -11.09
C THR A 174 -8.18 8.11 -11.92
N LYS A 175 -7.05 8.26 -11.24
CA LYS A 175 -5.74 8.32 -11.87
C LYS A 175 -4.84 7.23 -11.30
N VAL A 176 -3.98 6.69 -12.16
CA VAL A 176 -2.98 5.73 -11.74
C VAL A 176 -1.77 6.46 -11.20
N LEU A 177 -1.31 6.07 -10.02
CA LEU A 177 -0.13 6.68 -9.45
C LEU A 177 1.07 6.44 -10.37
N PRO A 178 2.00 7.38 -10.45
CA PRO A 178 3.27 7.08 -11.11
C PRO A 178 3.98 6.00 -10.33
N GLN A 179 4.79 5.20 -11.03
CA GLN A 179 5.45 4.08 -10.37
C GLN A 179 6.47 4.55 -9.34
N ASP A 180 6.94 5.79 -9.44
CA ASP A 180 8.04 6.27 -8.61
C ASP A 180 7.60 7.28 -7.55
N LYS A 181 6.30 7.51 -7.39
CA LYS A 181 5.83 8.50 -6.43
C LYS A 181 4.50 8.06 -5.86
N GLU A 182 4.12 8.68 -4.76
CA GLU A 182 2.90 8.30 -4.04
C GLU A 182 1.79 9.33 -4.20
N PTR A 183 2.03 10.34 -5.03
CA PTR A 183 1.00 11.31 -5.36
C PTR A 183 0.92 11.47 -6.87
O PTR A 183 1.74 10.97 -7.63
CB PTR A 183 1.27 12.65 -4.67
CG PTR A 183 2.59 13.28 -5.02
CD1 PTR A 183 2.77 14.03 -6.19
CD2 PTR A 183 3.70 13.06 -4.22
CE1 PTR A 183 4.00 14.60 -6.49
CE2 PTR A 183 4.93 13.61 -4.52
CZ PTR A 183 5.08 14.35 -5.67
OH PTR A 183 6.26 14.85 -5.90
P PTR A 183 6.61 16.40 -5.61
O1P PTR A 183 8.01 16.43 -5.14
O2P PTR A 183 5.72 16.90 -4.46
O3P PTR A 183 6.41 17.27 -6.87
N TYR A 184 -0.11 12.20 -7.29
CA TYR A 184 -0.36 12.48 -8.69
C TYR A 184 -0.81 13.92 -8.74
N LYS A 185 -0.14 14.75 -9.53
CA LYS A 185 -0.49 16.15 -9.62
C LYS A 185 -1.34 16.36 -10.86
N VAL A 186 -2.52 16.95 -10.67
CA VAL A 186 -3.49 17.12 -11.74
C VAL A 186 -4.32 18.34 -11.38
N LYS A 187 -4.39 19.28 -12.30
CA LYS A 187 -5.28 20.43 -12.19
C LYS A 187 -6.11 20.48 -13.46
N GLU A 188 -7.40 20.26 -13.33
CA GLU A 188 -8.30 20.06 -14.45
C GLU A 188 -9.12 21.31 -14.73
N PRO A 189 -9.44 21.55 -16.00
CA PRO A 189 -10.21 22.75 -16.34
C PRO A 189 -11.67 22.51 -16.05
N GLY A 190 -12.38 23.62 -15.78
CA GLY A 190 -13.60 23.45 -15.04
C GLY A 190 -13.12 23.24 -13.61
N GLU A 191 -14.01 22.93 -12.69
CA GLU A 191 -13.50 22.65 -11.36
C GLU A 191 -14.45 21.67 -10.67
N SER A 192 -13.99 21.12 -9.55
CA SER A 192 -14.36 19.84 -8.96
C SER A 192 -14.99 20.00 -7.57
N PRO A 193 -15.08 18.95 -6.71
CA PRO A 193 -15.64 19.20 -5.37
C PRO A 193 -14.64 19.70 -4.34
N ILE A 194 -14.43 21.02 -4.29
CA ILE A 194 -13.43 21.58 -3.37
C ILE A 194 -13.80 21.27 -1.92
N PHE A 195 -15.09 21.10 -1.65
CA PHE A 195 -15.52 20.86 -0.28
C PHE A 195 -15.36 19.40 0.12
N TRP A 196 -14.86 18.56 -0.77
CA TRP A 196 -14.42 17.20 -0.45
C TRP A 196 -12.91 17.05 -0.51
N TYR A 197 -12.18 18.10 -0.89
CA TYR A 197 -10.77 17.98 -1.25
C TYR A 197 -9.87 18.18 -0.04
N ALA A 198 -8.79 17.40 0.00
CA ALA A 198 -7.77 17.60 1.01
C ALA A 198 -7.09 18.96 0.80
N PRO A 199 -6.55 19.56 1.87
CA PRO A 199 -5.90 20.87 1.70
C PRO A 199 -4.74 20.86 0.72
N GLU A 200 -3.94 19.79 0.72
CA GLU A 200 -2.84 19.71 -0.22
C GLU A 200 -3.31 19.59 -1.66
N SER A 201 -4.54 19.09 -1.88
CA SER A 201 -5.10 19.07 -3.22
C SER A 201 -5.63 20.45 -3.63
N LEU A 202 -6.05 21.26 -2.65
CA LEU A 202 -6.42 22.64 -2.96
C LEU A 202 -5.19 23.49 -3.24
N THR A 203 -4.10 23.25 -2.50
CA THR A 203 -2.90 24.08 -2.57
C THR A 203 -1.97 23.69 -3.72
N GLU A 204 -1.60 22.40 -3.82
CA GLU A 204 -0.59 21.97 -4.78
C GLU A 204 -1.13 20.99 -5.81
N SER A 205 -2.44 20.79 -5.86
CA SER A 205 -3.08 19.83 -6.77
C SER A 205 -2.51 18.42 -6.61
N LYS A 206 -2.15 18.07 -5.39
CA LYS A 206 -1.59 16.75 -5.09
C LYS A 206 -2.70 15.80 -4.65
N PHE A 207 -2.81 14.68 -5.36
CA PHE A 207 -3.82 13.67 -5.06
C PHE A 207 -3.12 12.36 -4.72
N SER A 208 -3.58 11.70 -3.66
CA SER A 208 -2.90 10.54 -3.10
C SER A 208 -3.92 9.69 -2.38
N VAL A 209 -3.44 8.55 -1.85
CA VAL A 209 -4.29 7.73 -1.00
C VAL A 209 -4.73 8.51 0.23
N ALA A 210 -3.85 9.35 0.76
CA ALA A 210 -4.20 10.14 1.94
C ALA A 210 -5.28 11.16 1.65
N SER A 211 -5.27 11.75 0.45
CA SER A 211 -6.31 12.71 0.12
C SER A 211 -7.64 12.00 -0.14
N ASP A 212 -7.59 10.80 -0.71
CA ASP A 212 -8.78 9.95 -0.75
C ASP A 212 -9.30 9.65 0.66
N VAL A 213 -8.39 9.52 1.63
CA VAL A 213 -8.82 9.27 3.02
C VAL A 213 -9.53 10.50 3.60
N TRP A 214 -8.97 11.69 3.35
CA TRP A 214 -9.66 12.93 3.73
C TRP A 214 -11.07 12.98 3.13
N SER A 215 -11.19 12.61 1.85
CA SER A 215 -12.50 12.74 1.23
C SER A 215 -13.44 11.62 1.68
N PHE A 216 -12.88 10.50 2.12
CA PHE A 216 -13.70 9.49 2.79
C PHE A 216 -14.24 10.01 4.11
N GLY A 217 -13.41 10.77 4.84
CA GLY A 217 -13.90 11.40 6.05
C GLY A 217 -15.10 12.28 5.76
N VAL A 218 -15.02 13.05 4.68
CA VAL A 218 -16.17 13.86 4.27
C VAL A 218 -17.36 12.96 3.94
N VAL A 219 -17.11 11.81 3.32
CA VAL A 219 -18.21 10.88 2.99
C VAL A 219 -18.88 10.36 4.26
N LEU A 220 -18.08 10.06 5.29
CA LEU A 220 -18.64 9.62 6.57
C LEU A 220 -19.49 10.71 7.20
N TYR A 221 -18.99 11.95 7.17
CA TYR A 221 -19.80 13.09 7.58
C TYR A 221 -21.13 13.11 6.83
N GLU A 222 -21.07 13.06 5.50
CA GLU A 222 -22.27 12.99 4.67
C GLU A 222 -23.24 11.94 5.20
N LEU A 223 -22.75 10.71 5.37
CA LEU A 223 -23.61 9.61 5.82
C LEU A 223 -24.31 9.96 7.12
N PHE A 224 -23.61 10.57 8.06
CA PHE A 224 -24.26 10.81 9.34
C PHE A 224 -25.09 12.09 9.35
N THR A 225 -25.00 12.92 8.31
CA THR A 225 -25.97 13.99 8.18
C THR A 225 -27.28 13.53 7.56
N TYR A 226 -27.34 12.31 7.02
CA TYR A 226 -28.50 11.80 6.29
C TYR A 226 -28.94 12.76 5.18
N ILE A 227 -27.98 13.52 4.64
CA ILE A 227 -28.19 14.46 3.55
C ILE A 227 -29.27 15.47 3.94
N GLU A 228 -29.24 15.93 5.19
CA GLU A 228 -30.10 17.02 5.60
C GLU A 228 -29.66 18.31 4.92
N LYS A 229 -30.64 19.17 4.64
CA LYS A 229 -30.44 20.26 3.68
C LYS A 229 -29.38 21.25 4.17
N SER A 230 -29.52 21.71 5.42
CA SER A 230 -28.54 22.62 5.99
C SER A 230 -27.15 22.02 6.12
N LYS A 231 -27.03 20.70 6.16
CA LYS A 231 -25.84 20.04 6.66
C LYS A 231 -24.89 19.51 5.59
N SER A 232 -25.05 19.90 4.33
CA SER A 232 -24.12 19.45 3.32
C SER A 232 -22.77 20.16 3.49
N PRO A 233 -21.67 19.49 3.14
CA PRO A 233 -20.35 20.12 3.28
C PRO A 233 -20.25 21.47 2.57
N PRO A 234 -20.79 21.62 1.35
CA PRO A 234 -20.78 22.98 0.76
C PRO A 234 -21.53 23.99 1.62
N ALA A 235 -22.70 23.63 2.15
CA ALA A 235 -23.47 24.55 2.97
C ALA A 235 -22.73 24.92 4.25
N GLU A 236 -22.23 23.91 4.97
CA GLU A 236 -21.51 24.17 6.21
C GLU A 236 -20.25 24.99 5.97
N PHE A 237 -19.47 24.63 4.94
CA PHE A 237 -18.22 25.33 4.67
C PHE A 237 -18.48 26.77 4.23
N MET A 238 -19.43 26.99 3.33
CA MET A 238 -19.72 28.36 2.89
C MET A 238 -20.37 29.19 3.99
N ARG A 239 -21.03 28.55 4.95
CA ARG A 239 -21.48 29.29 6.12
C ARG A 239 -20.30 29.64 7.03
N MET A 240 -19.32 28.76 7.11
CA MET A 240 -18.16 29.01 7.98
C MET A 240 -17.26 30.09 7.40
N ILE A 241 -17.10 30.12 6.08
CA ILE A 241 -16.27 31.15 5.45
C ILE A 241 -17.07 32.38 5.09
N GLY A 242 -18.39 32.32 5.16
CA GLY A 242 -19.23 33.44 4.81
C GLY A 242 -19.69 33.38 3.37
N ASN A 243 -21.01 33.41 3.17
CA ASN A 243 -21.59 33.36 1.84
C ASN A 243 -21.41 34.66 1.08
N ASP A 244 -20.82 35.68 1.70
CA ASP A 244 -20.58 36.95 1.03
C ASP A 244 -19.53 36.85 -0.07
N LYS A 245 -18.61 35.89 0.03
CA LYS A 245 -17.47 35.84 -0.86
C LYS A 245 -17.79 35.19 -2.21
N GLN A 246 -16.91 35.45 -3.18
CA GLN A 246 -17.22 35.35 -4.60
C GLN A 246 -16.13 34.58 -5.35
N GLY A 247 -16.53 33.58 -6.14
CA GLY A 247 -15.64 33.06 -7.16
C GLY A 247 -14.38 32.49 -6.55
N GLN A 248 -13.26 32.85 -7.17
CA GLN A 248 -11.95 32.32 -6.79
C GLN A 248 -11.68 32.48 -5.31
N MET A 249 -12.11 33.60 -4.72
CA MET A 249 -11.80 33.87 -3.32
C MET A 249 -12.37 32.79 -2.40
N ILE A 250 -13.50 32.21 -2.81
CA ILE A 250 -14.05 31.07 -2.07
C ILE A 250 -12.95 30.09 -1.72
N VAL A 251 -12.29 29.56 -2.77
CA VAL A 251 -11.22 28.57 -2.56
C VAL A 251 -10.20 29.10 -1.56
N PHE A 252 -9.75 30.34 -1.77
CA PHE A 252 -8.71 30.90 -0.92
C PHE A 252 -9.15 30.85 0.54
N HIS A 253 -10.35 31.34 0.83
CA HIS A 253 -10.80 31.34 2.22
C HIS A 253 -10.94 29.91 2.73
N LEU A 254 -11.50 29.03 1.92
CA LEU A 254 -11.58 27.62 2.31
C LEU A 254 -10.21 27.13 2.73
N ILE A 255 -9.19 27.46 1.95
CA ILE A 255 -7.83 27.03 2.24
C ILE A 255 -7.47 27.34 3.69
N GLU A 256 -7.62 28.60 4.11
CA GLU A 256 -7.15 28.90 5.44
C GLU A 256 -8.15 28.45 6.50
N LEU A 257 -9.43 28.30 6.14
CA LEU A 257 -10.34 27.70 7.09
C LEU A 257 -9.82 26.32 7.45
N LEU A 258 -9.22 25.62 6.49
CA LEU A 258 -8.69 24.30 6.78
C LEU A 258 -7.36 24.38 7.50
N LYS A 259 -6.62 25.48 7.34
CA LYS A 259 -5.31 25.56 7.96
C LYS A 259 -5.36 26.09 9.38
N ASN A 260 -6.46 26.74 9.78
CA ASN A 260 -6.74 27.03 11.18
C ASN A 260 -7.57 25.94 11.83
N ASN A 261 -7.60 24.75 11.24
CA ASN A 261 -8.33 23.60 11.78
C ASN A 261 -9.82 23.86 11.89
N GLY A 262 -10.35 24.74 11.05
CA GLY A 262 -11.79 24.79 10.86
C GLY A 262 -12.25 23.54 10.15
N ARG A 263 -13.28 22.89 10.68
CA ARG A 263 -13.72 21.60 10.19
C ARG A 263 -15.24 21.56 10.12
N LEU A 264 -15.75 20.56 9.41
CA LEU A 264 -17.17 20.32 9.42
C LEU A 264 -17.59 19.90 10.83
N PRO A 265 -18.77 20.33 11.29
CA PRO A 265 -19.19 20.00 12.66
C PRO A 265 -19.62 18.55 12.76
N ARG A 266 -19.74 18.09 14.00
CA ARG A 266 -20.28 16.76 14.26
C ARG A 266 -21.74 16.71 13.85
N PRO A 267 -22.15 15.81 12.96
CA PRO A 267 -23.56 15.70 12.61
C PRO A 267 -24.41 15.35 13.83
N ASP A 268 -25.65 15.83 13.82
CA ASP A 268 -26.55 15.61 14.95
C ASP A 268 -26.74 14.11 15.20
N GLY A 269 -26.56 13.71 16.45
CA GLY A 269 -26.71 12.32 16.82
C GLY A 269 -25.52 11.43 16.54
N CYS A 270 -24.44 11.97 15.98
CA CYS A 270 -23.26 11.15 15.71
C CYS A 270 -22.51 10.89 17.00
N PRO A 271 -22.17 9.62 17.30
CA PRO A 271 -21.37 9.34 18.49
C PRO A 271 -19.98 9.94 18.36
N ASP A 272 -19.34 10.18 19.51
CA ASP A 272 -18.10 10.93 19.50
C ASP A 272 -16.97 10.15 18.81
N GLU A 273 -17.01 8.82 18.85
CA GLU A 273 -15.94 8.05 18.22
C GLU A 273 -16.04 8.06 16.70
N ILE A 274 -17.25 8.10 16.15
CA ILE A 274 -17.41 8.24 14.71
C ILE A 274 -16.90 9.61 14.27
N TYR A 275 -17.23 10.66 15.01
CA TYR A 275 -16.70 11.97 14.69
C TYR A 275 -15.19 12.03 14.86
N MET A 276 -14.64 11.24 15.77
CA MET A 276 -13.19 11.22 15.92
C MET A 276 -12.52 10.54 14.74
N ILE A 277 -13.16 9.49 14.19
CA ILE A 277 -12.69 8.94 12.92
C ILE A 277 -12.69 10.00 11.84
N MET A 278 -13.80 10.75 11.74
CA MET A 278 -13.91 11.82 10.75
C MET A 278 -12.76 12.81 10.89
N THR A 279 -12.57 13.34 12.10
CA THR A 279 -11.56 14.37 12.31
C THR A 279 -10.15 13.82 12.12
N GLU A 280 -9.94 12.54 12.40
CA GLU A 280 -8.64 11.93 12.16
C GLU A 280 -8.36 11.77 10.67
N CYS A 281 -9.40 11.62 9.84
CA CYS A 281 -9.10 11.64 8.42
C CYS A 281 -8.96 13.06 7.90
N TRP A 282 -9.30 14.06 8.70
CA TRP A 282 -9.14 15.46 8.34
C TRP A 282 -7.89 16.06 8.97
N ASN A 283 -6.84 15.25 9.07
CA ASN A 283 -5.56 15.74 9.56
C ASN A 283 -4.89 16.55 8.46
N ASN A 284 -4.45 17.76 8.81
CA ASN A 284 -3.66 18.56 7.88
C ASN A 284 -2.39 17.82 7.46
N ASN A 285 -1.80 17.04 8.38
CA ASN A 285 -0.58 16.30 8.09
C ASN A 285 -0.94 15.06 7.27
N VAL A 286 -0.47 15.04 6.02
CA VAL A 286 -0.83 13.98 5.08
C VAL A 286 -0.42 12.60 5.59
N ASN A 287 0.71 12.53 6.29
CA ASN A 287 1.21 11.24 6.76
C ASN A 287 0.52 10.76 8.03
N GLN A 288 -0.12 11.64 8.78
CA GLN A 288 -0.84 11.26 10.00
C GLN A 288 -2.28 10.84 9.73
N ARG A 289 -2.64 10.62 8.47
CA ARG A 289 -4.01 10.18 8.30
C ARG A 289 -4.09 8.66 8.34
N PRO A 290 -5.18 8.11 8.87
CA PRO A 290 -5.30 6.65 8.98
C PRO A 290 -5.40 5.99 7.62
N SER A 291 -4.97 4.74 7.56
CA SER A 291 -5.11 3.94 6.36
C SER A 291 -6.51 3.34 6.28
N PHE A 292 -6.90 2.97 5.07
CA PHE A 292 -8.23 2.41 4.87
C PHE A 292 -8.40 1.09 5.61
N ARG A 293 -7.31 0.34 5.81
CA ARG A 293 -7.43 -0.91 6.54
C ARG A 293 -7.66 -0.66 8.03
N ASP A 294 -6.94 0.31 8.60
CA ASP A 294 -7.23 0.73 9.97
C ASP A 294 -8.64 1.29 10.08
N LEU A 295 -9.10 2.04 9.08
CA LEU A 295 -10.45 2.60 9.12
C LEU A 295 -11.48 1.48 9.14
N ALA A 296 -11.31 0.49 8.26
CA ALA A 296 -12.21 -0.66 8.27
C ALA A 296 -12.14 -1.39 9.60
N LEU A 297 -10.94 -1.55 10.15
CA LEU A 297 -10.77 -2.18 11.46
C LEU A 297 -11.62 -1.49 12.53
N ARG A 298 -11.45 -0.17 12.66
CA ARG A 298 -12.16 0.56 13.71
C ARG A 298 -13.66 0.56 13.47
N VAL A 299 -14.08 0.70 12.21
CA VAL A 299 -15.51 0.72 11.92
C VAL A 299 -16.14 -0.64 12.20
N ASP A 300 -15.47 -1.72 11.80
CA ASP A 300 -15.98 -3.05 12.07
C ASP A 300 -16.03 -3.34 13.57
N GLN A 301 -15.09 -2.80 14.35
CA GLN A 301 -15.15 -3.10 15.77
C GLN A 301 -16.20 -2.25 16.48
N ILE A 302 -16.42 -1.01 16.02
CA ILE A 302 -17.53 -0.22 16.54
C ILE A 302 -18.85 -0.89 16.20
N ARG A 303 -18.98 -1.38 14.96
CA ARG A 303 -20.19 -2.08 14.54
C ARG A 303 -20.42 -3.31 15.40
N ASP A 304 -19.37 -4.10 15.65
CA ASP A 304 -19.49 -5.26 16.52
C ASP A 304 -19.94 -4.86 17.92
N ASN A 305 -19.40 -3.75 18.45
CA ASN A 305 -19.81 -3.29 19.78
C ASN A 305 -21.28 -2.91 19.81
N MET A 306 -21.77 -2.24 18.77
CA MET A 306 -23.16 -1.77 18.78
C MET A 306 -24.15 -2.92 18.73
N ALA A 307 -23.79 -4.03 18.09
CA ALA A 307 -24.71 -5.14 17.90
C ALA A 307 -24.64 -6.12 19.06
N PRO B 17 14.49 8.07 28.43
CA PRO B 17 13.92 7.63 27.14
C PRO B 17 14.89 7.98 26.01
N THR B 18 14.85 7.40 24.79
CA THR B 18 13.94 6.39 24.19
C THR B 18 12.43 6.65 24.25
N GLN B 19 12.05 7.91 24.10
CA GLN B 19 10.66 8.27 23.85
C GLN B 19 10.64 9.60 23.12
N PHE B 20 10.10 9.60 21.91
CA PHE B 20 10.11 10.79 21.07
C PHE B 20 8.74 11.48 21.11
N GLU B 21 8.77 12.83 21.27
CA GLU B 21 7.55 13.66 21.28
C GLU B 21 7.06 13.71 19.84
N GLU B 22 5.83 13.26 19.57
CA GLU B 22 5.38 13.31 18.18
C GLU B 22 5.27 14.75 17.66
N ARG B 23 4.86 15.69 18.51
CA ARG B 23 4.76 17.10 18.13
C ARG B 23 6.01 17.60 17.42
N HIS B 24 7.17 16.99 17.69
CA HIS B 24 8.44 17.45 17.15
C HIS B 24 8.93 16.59 15.99
N LEU B 25 8.22 15.52 15.64
CA LEU B 25 8.56 14.75 14.45
C LEU B 25 7.99 15.44 13.21
N LYS B 26 8.85 15.93 12.32
CA LYS B 26 8.41 16.64 11.12
C LYS B 26 8.63 15.76 9.89
N PHE B 27 7.53 15.31 9.31
CA PHE B 27 7.57 14.47 8.12
C PHE B 27 8.28 15.18 6.98
N LEU B 28 9.24 14.49 6.39
CA LEU B 28 9.94 14.97 5.20
C LEU B 28 9.55 14.22 3.94
N GLN B 29 9.51 12.88 4.00
CA GLN B 29 9.15 12.11 2.81
C GLN B 29 8.91 10.67 3.24
N GLN B 30 8.30 9.89 2.34
CA GLN B 30 8.18 8.45 2.57
C GLN B 30 9.32 7.70 1.90
N LEU B 31 9.96 6.82 2.68
CA LEU B 31 11.10 6.03 2.23
C LEU B 31 10.70 4.70 1.60
N GLY B 32 9.65 4.07 2.11
CA GLY B 32 9.25 2.78 1.58
C GLY B 32 8.01 2.28 2.29
N LYS B 33 7.34 1.35 1.60
CA LYS B 33 6.07 0.79 2.04
C LYS B 33 6.12 -0.73 1.92
N GLY B 34 5.64 -1.43 2.93
CA GLY B 34 5.63 -2.87 2.86
C GLY B 34 4.23 -3.44 2.86
N ASN B 35 4.04 -4.61 3.47
CA ASN B 35 2.73 -5.25 3.46
C ASN B 35 1.81 -4.75 4.57
N PHE B 36 2.36 -4.56 5.78
CA PHE B 36 1.59 -4.03 6.89
C PHE B 36 2.23 -2.81 7.54
N GLY B 37 3.39 -2.36 7.07
CA GLY B 37 4.06 -1.21 7.64
C GLY B 37 4.70 -0.36 6.60
N SER B 38 5.10 0.85 7.03
CA SER B 38 5.78 1.80 6.18
C SER B 38 6.84 2.54 7.00
N VAL B 39 7.84 3.07 6.29
CA VAL B 39 8.92 3.85 6.89
C VAL B 39 8.95 5.22 6.22
N GLU B 40 9.05 6.27 7.02
CA GLU B 40 9.13 7.64 6.53
C GLU B 40 10.39 8.32 7.07
N MET B 41 11.03 9.11 6.21
CA MET B 41 12.08 10.00 6.66
C MET B 41 11.45 11.24 7.29
N CYS B 42 11.77 11.48 8.57
CA CYS B 42 11.34 12.67 9.28
C CYS B 42 12.55 13.33 9.93
N ARG B 43 12.34 14.51 10.49
CA ARG B 43 13.36 15.21 11.27
C ARG B 43 12.81 15.50 12.65
N TYR B 44 13.45 14.96 13.67
CA TYR B 44 13.14 15.36 15.03
C TYR B 44 13.76 16.74 15.22
N ASP B 45 12.91 17.76 15.23
CA ASP B 45 13.34 19.16 15.22
C ASP B 45 12.54 19.93 16.24
N PRO B 46 12.80 19.71 17.53
CA PRO B 46 12.00 20.40 18.56
C PRO B 46 12.20 21.90 18.56
N LEU B 47 13.39 22.39 18.19
CA LEU B 47 13.61 23.82 18.11
C LEU B 47 12.99 24.46 16.88
N GLN B 48 12.42 23.65 15.98
CA GLN B 48 11.81 24.12 14.73
C GLN B 48 12.76 24.98 13.90
N ASP B 49 14.07 24.84 14.12
CA ASP B 49 15.08 25.61 13.40
C ASP B 49 15.90 24.76 12.44
N ASN B 50 15.42 23.55 12.11
CA ASN B 50 16.06 22.65 11.16
C ASN B 50 17.48 22.26 11.58
N THR B 51 17.75 22.22 12.88
CA THR B 51 18.96 21.60 13.39
C THR B 51 18.69 20.24 14.01
N GLY B 52 17.42 19.82 14.05
CA GLY B 52 17.07 18.50 14.54
C GLY B 52 17.68 17.41 13.66
N GLU B 53 17.63 16.19 14.18
CA GLU B 53 18.28 15.08 13.49
C GLU B 53 17.28 14.36 12.59
N VAL B 54 17.75 13.96 11.41
CA VAL B 54 16.92 13.19 10.49
C VAL B 54 16.93 11.73 10.93
N VAL B 55 15.74 11.16 11.08
CA VAL B 55 15.57 9.78 11.50
C VAL B 55 14.57 9.09 10.57
N ALA B 56 14.55 7.77 10.67
CA ALA B 56 13.55 6.94 10.01
C ALA B 56 12.50 6.51 11.02
N VAL B 57 11.23 6.57 10.62
CA VAL B 57 10.13 6.24 11.50
C VAL B 57 9.31 5.14 10.84
N LYS B 58 9.21 4.00 11.50
CA LYS B 58 8.41 2.88 11.03
C LYS B 58 7.09 2.85 11.78
N LYS B 59 6.00 2.71 11.03
CA LYS B 59 4.67 2.64 11.61
C LYS B 59 3.89 1.52 10.93
N LEU B 60 2.83 1.06 11.59
CA LEU B 60 1.98 0.04 10.98
C LEU B 60 0.85 0.68 10.20
N GLN B 61 0.44 -0.01 9.14
CA GLN B 61 -0.71 0.41 8.33
C GLN B 61 -1.92 -0.49 8.52
N HIS B 62 -1.75 -1.72 8.99
CA HIS B 62 -2.84 -2.61 9.33
C HIS B 62 -2.66 -3.03 10.80
N SER B 63 -3.25 -2.25 11.70
CA SER B 63 -2.98 -2.40 13.12
C SER B 63 -3.92 -3.39 13.80
N THR B 64 -3.99 -4.62 13.27
CA THR B 64 -4.60 -5.70 14.03
C THR B 64 -3.81 -5.88 15.34
N GLU B 65 -4.43 -6.57 16.30
CA GLU B 65 -3.77 -6.77 17.58
C GLU B 65 -2.63 -7.78 17.45
N GLU B 66 -2.79 -8.77 16.58
CA GLU B 66 -1.69 -9.66 16.23
C GLU B 66 -0.51 -8.86 15.67
N HIS B 67 -0.80 -7.95 14.73
CA HIS B 67 0.26 -7.12 14.16
C HIS B 67 0.86 -6.20 15.21
N LEU B 68 0.06 -5.77 16.20
CA LEU B 68 0.57 -4.85 17.20
C LEU B 68 1.51 -5.57 18.17
N ARG B 69 1.19 -6.81 18.52
CA ARG B 69 2.10 -7.57 19.36
C ARG B 69 3.35 -7.96 18.60
N ASP B 70 3.22 -8.28 17.32
CA ASP B 70 4.40 -8.49 16.47
C ASP B 70 5.27 -7.26 16.42
N PHE B 71 4.67 -6.07 16.26
CA PHE B 71 5.44 -4.84 16.15
C PHE B 71 6.16 -4.52 17.46
N GLU B 72 5.50 -4.75 18.60
CA GLU B 72 6.18 -4.49 19.87
C GLU B 72 7.32 -5.47 20.09
N ARG B 73 7.14 -6.73 19.67
CA ARG B 73 8.24 -7.69 19.74
C ARG B 73 9.39 -7.26 18.84
N GLU B 74 9.07 -6.74 17.65
CA GLU B 74 10.11 -6.25 16.74
C GLU B 74 10.87 -5.08 17.36
N ILE B 75 10.16 -4.17 18.01
CA ILE B 75 10.83 -3.04 18.67
C ILE B 75 11.75 -3.56 19.76
N GLU B 76 11.27 -4.53 20.55
CA GLU B 76 12.10 -5.13 21.59
C GLU B 76 13.35 -5.75 21.00
N ILE B 77 13.19 -6.53 19.92
CA ILE B 77 14.30 -7.19 19.28
C ILE B 77 15.35 -6.17 18.82
N LEU B 78 14.90 -5.15 18.09
CA LEU B 78 15.85 -4.15 17.57
C LEU B 78 16.56 -3.43 18.71
N LYS B 79 15.83 -3.09 19.76
CA LYS B 79 16.43 -2.40 20.90
C LYS B 79 17.53 -3.23 21.55
N SER B 80 17.43 -4.56 21.47
CA SER B 80 18.41 -5.46 22.08
C SER B 80 19.63 -5.69 21.21
N LEU B 81 19.71 -5.11 20.01
CA LEU B 81 20.79 -5.37 19.07
C LEU B 81 21.68 -4.15 18.98
N GLN B 82 23.00 -4.38 19.08
CA GLN B 82 24.00 -3.35 18.85
C GLN B 82 25.11 -3.93 18.00
N HIS B 83 25.30 -3.38 16.81
CA HIS B 83 26.30 -3.89 15.87
C HIS B 83 26.43 -2.90 14.72
N ASP B 84 27.65 -2.74 14.22
CA ASP B 84 27.91 -1.75 13.18
C ASP B 84 27.14 -2.05 11.90
N ASN B 85 26.71 -3.30 11.72
CA ASN B 85 25.98 -3.72 10.52
C ASN B 85 24.53 -4.10 10.85
N ILE B 86 23.96 -3.47 11.88
CA ILE B 86 22.54 -3.51 12.17
C ILE B 86 22.08 -2.08 12.41
N VAL B 87 20.91 -1.72 11.87
CA VAL B 87 20.44 -0.35 11.97
C VAL B 87 20.19 0.01 13.43
N LYS B 88 20.51 1.24 13.78
CA LYS B 88 20.46 1.66 15.18
C LYS B 88 19.03 1.97 15.58
N TYR B 89 18.54 1.28 16.61
CA TYR B 89 17.34 1.72 17.31
C TYR B 89 17.64 3.03 18.02
N LYS B 90 16.68 3.96 17.98
CA LYS B 90 16.80 5.21 18.71
C LYS B 90 15.73 5.41 19.76
N GLY B 91 14.52 4.91 19.53
CA GLY B 91 13.46 5.09 20.50
C GLY B 91 12.11 4.72 19.89
N VAL B 92 11.07 5.08 20.63
CA VAL B 92 9.69 4.84 20.22
C VAL B 92 8.95 6.16 20.30
N CYS B 93 7.80 6.21 19.64
CA CYS B 93 6.92 7.36 19.72
C CYS B 93 5.50 6.84 19.67
N TYR B 94 4.70 7.19 20.68
CA TYR B 94 3.34 6.69 20.74
C TYR B 94 2.41 7.77 21.28
N SER B 95 1.23 7.87 20.66
CA SER B 95 0.12 8.60 21.24
C SER B 95 -0.43 7.83 22.44
N ALA B 96 -0.34 8.43 23.63
CA ALA B 96 -1.01 7.86 24.79
C ALA B 96 -2.51 7.76 24.53
N GLY B 97 -3.09 6.59 24.86
CA GLY B 97 -2.34 5.49 25.43
C GLY B 97 -1.99 4.40 24.42
N ARG B 98 -0.74 4.38 23.98
CA ARG B 98 -0.16 3.43 23.05
C ARG B 98 -0.75 3.50 21.64
N ARG B 99 -1.63 4.46 21.37
CA ARG B 99 -2.12 4.63 20.00
C ARG B 99 -0.97 5.06 19.08
N ASN B 100 -1.03 4.59 17.83
CA ASN B 100 -0.14 5.08 16.77
C ASN B 100 1.32 4.92 17.18
N LEU B 101 1.65 3.74 17.70
CA LEU B 101 3.02 3.45 18.13
C LEU B 101 3.97 3.46 16.94
N LYS B 102 5.08 4.17 17.08
CA LYS B 102 6.04 4.31 16.00
C LYS B 102 7.44 3.99 16.49
N LEU B 103 8.22 3.33 15.64
CA LEU B 103 9.58 2.91 15.95
C LEU B 103 10.58 3.87 15.29
N ILE B 104 11.45 4.46 16.10
CA ILE B 104 12.43 5.44 15.63
C ILE B 104 13.78 4.75 15.43
N MET B 105 14.37 4.94 14.25
CA MET B 105 15.68 4.38 13.94
C MET B 105 16.53 5.45 13.28
N GLU B 106 17.84 5.22 13.26
CA GLU B 106 18.76 6.09 12.54
C GLU B 106 18.40 6.07 11.05
N TYR B 107 18.74 7.16 10.37
CA TYR B 107 18.44 7.29 8.94
C TYR B 107 19.68 6.98 8.11
N LEU B 108 19.58 6.00 7.23
CA LEU B 108 20.66 5.67 6.31
C LEU B 108 20.35 6.27 4.95
N PRO B 109 21.23 7.12 4.41
CA PRO B 109 20.82 8.02 3.31
C PRO B 109 20.86 7.41 1.92
N TYR B 110 21.33 6.19 1.72
CA TYR B 110 21.51 5.65 0.38
C TYR B 110 20.55 4.51 0.02
N GLY B 111 19.56 4.23 0.87
CA GLY B 111 18.54 3.27 0.51
C GLY B 111 18.98 1.81 0.52
N SER B 112 18.12 0.98 -0.07
CA SER B 112 18.36 -0.46 -0.14
C SER B 112 19.63 -0.75 -0.94
N LEU B 113 20.33 -1.82 -0.54
CA LEU B 113 21.47 -2.31 -1.30
C LEU B 113 21.07 -2.74 -2.71
N ARG B 114 19.82 -3.17 -2.89
CA ARG B 114 19.35 -3.54 -4.22
C ARG B 114 19.40 -2.36 -5.19
N ASP B 115 18.73 -1.26 -4.83
CA ASP B 115 18.72 -0.09 -5.69
C ASP B 115 20.12 0.50 -5.82
N TYR B 116 20.86 0.54 -4.72
CA TYR B 116 22.21 1.08 -4.74
C TYR B 116 23.10 0.29 -5.69
N LEU B 117 23.05 -1.04 -5.60
CA LEU B 117 23.86 -1.88 -6.47
C LEU B 117 23.47 -1.69 -7.93
N GLN B 118 22.19 -1.49 -8.20
CA GLN B 118 21.81 -1.30 -9.60
C GLN B 118 22.26 0.06 -10.12
N LYS B 119 22.30 1.08 -9.27
CA LYS B 119 22.70 2.41 -9.72
C LYS B 119 24.21 2.52 -9.96
N HIS B 120 25.01 1.86 -9.13
CA HIS B 120 26.46 2.02 -9.15
C HIS B 120 27.18 0.75 -9.61
N LYS B 121 26.55 -0.02 -10.51
CA LYS B 121 27.09 -1.31 -10.91
C LYS B 121 28.42 -1.20 -11.63
N GLU B 122 28.65 -0.10 -12.36
CA GLU B 122 29.92 0.11 -13.03
C GLU B 122 31.03 0.47 -12.07
N ARG B 123 30.68 0.87 -10.85
CA ARG B 123 31.64 1.27 -9.84
C ARG B 123 32.01 0.17 -8.87
N ILE B 124 31.15 -0.82 -8.70
CA ILE B 124 31.27 -1.84 -7.66
C ILE B 124 31.88 -3.09 -8.27
N ASP B 125 33.12 -3.42 -7.90
CA ASP B 125 33.78 -4.63 -8.37
C ASP B 125 33.62 -5.75 -7.33
N HIS B 126 34.20 -6.91 -7.64
CA HIS B 126 33.94 -8.12 -6.86
C HIS B 126 34.46 -8.01 -5.43
N ILE B 127 35.64 -7.40 -5.24
CA ILE B 127 36.15 -7.26 -3.87
C ILE B 127 35.24 -6.36 -3.04
N LYS B 128 34.64 -5.34 -3.67
CA LYS B 128 33.68 -4.49 -2.94
C LYS B 128 32.43 -5.27 -2.57
N LEU B 129 31.93 -6.08 -3.51
CA LEU B 129 30.80 -6.96 -3.20
C LEU B 129 31.12 -7.83 -2.00
N LEU B 130 32.36 -8.35 -1.93
CA LEU B 130 32.75 -9.21 -0.81
C LEU B 130 32.90 -8.43 0.49
N GLN B 131 33.31 -7.17 0.41
CA GLN B 131 33.28 -6.32 1.60
C GLN B 131 31.85 -6.22 2.16
N TYR B 132 30.88 -5.93 1.27
CA TYR B 132 29.48 -5.91 1.70
C TYR B 132 29.08 -7.25 2.30
N THR B 133 29.45 -8.34 1.62
CA THR B 133 29.10 -9.69 2.07
C THR B 133 29.65 -9.99 3.45
N SER B 134 30.91 -9.62 3.71
CA SER B 134 31.50 -9.85 5.02
C SER B 134 30.75 -9.08 6.11
N GLN B 135 30.35 -7.84 5.80
CA GLN B 135 29.57 -7.09 6.79
C GLN B 135 28.22 -7.77 7.05
N ILE B 136 27.59 -8.28 5.99
CA ILE B 136 26.31 -8.97 6.16
C ILE B 136 26.49 -10.21 7.03
N CYS B 137 27.61 -10.92 6.86
CA CYS B 137 27.75 -12.18 7.60
C CYS B 137 28.15 -11.94 9.04
N LYS B 138 28.82 -10.83 9.32
CA LYS B 138 29.09 -10.48 10.71
C LYS B 138 27.82 -10.03 11.42
N GLY B 139 26.99 -9.24 10.75
CA GLY B 139 25.69 -8.89 11.33
C GLY B 139 24.88 -10.12 11.66
N MET B 140 24.81 -11.07 10.71
CA MET B 140 24.05 -12.29 10.93
C MET B 140 24.63 -13.13 12.05
N GLU B 141 25.97 -13.19 12.16
CA GLU B 141 26.58 -13.95 13.25
C GLU B 141 26.23 -13.37 14.60
N TYR B 142 26.26 -12.04 14.73
CA TYR B 142 25.80 -11.41 15.96
C TYR B 142 24.35 -11.76 16.26
N LEU B 143 23.49 -11.65 15.23
CA LEU B 143 22.10 -12.06 15.36
C LEU B 143 22.00 -13.46 15.94
N GLY B 144 22.79 -14.38 15.42
CA GLY B 144 22.76 -15.75 15.91
C GLY B 144 23.18 -15.85 17.36
N THR B 145 24.19 -15.05 17.77
CA THR B 145 24.57 -15.05 19.17
C THR B 145 23.42 -14.61 20.06
N LYS B 146 22.51 -13.78 19.55
CA LYS B 146 21.31 -13.46 20.32
C LYS B 146 20.15 -14.41 20.05
N ARG B 147 20.38 -15.52 19.33
CA ARG B 147 19.36 -16.54 19.05
C ARG B 147 18.15 -15.98 18.30
N TYR B 148 18.37 -14.98 17.44
CA TYR B 148 17.32 -14.42 16.59
C TYR B 148 17.41 -15.03 15.20
N ILE B 149 16.25 -15.28 14.60
CA ILE B 149 16.16 -15.76 13.22
C ILE B 149 15.55 -14.65 12.38
N HIS B 150 16.30 -14.18 11.37
CA HIS B 150 15.88 -13.01 10.61
C HIS B 150 14.68 -13.31 9.71
N ARG B 151 14.74 -14.44 8.98
CA ARG B 151 13.65 -14.96 8.14
C ARG B 151 13.47 -14.20 6.83
N ASP B 152 13.85 -12.91 6.77
CA ASP B 152 13.54 -12.07 5.63
C ASP B 152 14.78 -11.58 4.87
N LEU B 153 15.94 -12.20 5.08
CA LEU B 153 17.18 -11.66 4.54
C LEU B 153 17.11 -11.52 3.02
N ALA B 154 17.34 -10.31 2.53
CA ALA B 154 17.34 -10.00 1.10
C ALA B 154 17.98 -8.65 0.89
N THR B 155 18.50 -8.43 -0.32
CA THR B 155 19.16 -7.16 -0.62
C THR B 155 18.20 -5.99 -0.48
N ARG B 156 16.90 -6.22 -0.70
CA ARG B 156 15.92 -5.18 -0.48
C ARG B 156 15.84 -4.77 0.99
N ASN B 157 16.20 -5.68 1.91
CA ASN B 157 16.16 -5.42 3.33
C ASN B 157 17.48 -4.90 3.89
N ILE B 158 18.50 -4.74 3.06
CA ILE B 158 19.81 -4.29 3.50
C ILE B 158 20.02 -2.86 3.04
N LEU B 159 20.37 -1.98 3.98
CA LEU B 159 20.51 -0.56 3.74
C LEU B 159 21.98 -0.18 3.58
N VAL B 160 22.21 0.96 2.95
CA VAL B 160 23.55 1.42 2.58
C VAL B 160 23.82 2.74 3.29
N GLU B 161 24.75 2.73 4.26
CA GLU B 161 25.10 3.98 4.93
C GLU B 161 26.04 4.83 4.08
N ASN B 162 26.99 4.19 3.41
CA ASN B 162 27.84 4.83 2.41
C ASN B 162 28.48 3.73 1.58
N GLU B 163 29.36 4.12 0.66
CA GLU B 163 29.93 3.17 -0.27
C GLU B 163 30.76 2.09 0.43
N ASN B 164 31.05 2.24 1.72
CA ASN B 164 31.86 1.26 2.43
C ASN B 164 31.12 0.50 3.52
N ARG B 165 29.85 0.82 3.80
CA ARG B 165 29.15 0.11 4.88
C ARG B 165 27.68 -0.10 4.56
N VAL B 166 27.23 -1.33 4.79
CA VAL B 166 25.83 -1.72 4.70
C VAL B 166 25.39 -2.21 6.07
N LYS B 167 24.07 -2.19 6.29
CA LYS B 167 23.47 -2.57 7.56
C LYS B 167 22.22 -3.40 7.30
N ILE B 168 22.04 -4.44 8.10
CA ILE B 168 20.77 -5.18 8.08
C ILE B 168 19.68 -4.28 8.64
N GLY B 169 18.60 -4.12 7.88
CA GLY B 169 17.70 -2.98 8.09
C GLY B 169 16.22 -3.19 8.40
N ASP B 170 15.75 -4.42 8.49
CA ASP B 170 14.36 -4.63 8.89
C ASP B 170 14.18 -5.99 9.53
N PHE B 171 13.47 -6.03 10.66
CA PHE B 171 13.32 -7.23 11.47
C PHE B 171 11.85 -7.49 11.77
N GLY B 172 10.95 -7.03 10.90
CA GLY B 172 9.53 -7.23 11.11
C GLY B 172 9.12 -8.68 11.12
N LEU B 173 9.96 -9.56 10.59
CA LEU B 173 9.68 -10.99 10.53
C LEU B 173 10.59 -11.81 11.44
N THR B 174 11.42 -11.16 12.25
CA THR B 174 12.39 -11.85 13.08
C THR B 174 11.73 -12.49 14.30
N LYS B 175 12.05 -13.76 14.55
CA LYS B 175 11.50 -14.52 15.67
C LYS B 175 12.64 -15.00 16.56
N VAL B 176 12.39 -15.02 17.88
CA VAL B 176 13.34 -15.53 18.85
C VAL B 176 13.17 -17.04 18.96
N LEU B 177 14.29 -17.76 18.89
CA LEU B 177 14.24 -19.21 19.00
C LEU B 177 13.67 -19.63 20.35
N PRO B 178 12.93 -20.74 20.40
CA PRO B 178 12.52 -21.29 21.70
C PRO B 178 13.74 -21.72 22.49
N GLN B 179 13.61 -21.67 23.82
CA GLN B 179 14.73 -22.01 24.68
C GLN B 179 15.14 -23.47 24.57
N ASP B 180 14.23 -24.32 24.09
CA ASP B 180 14.45 -25.76 24.07
C ASP B 180 14.69 -26.32 22.68
N LYS B 181 14.80 -25.48 21.65
CA LYS B 181 14.96 -25.99 20.30
C LYS B 181 15.79 -25.02 19.46
N GLU B 182 16.27 -25.51 18.33
CA GLU B 182 17.16 -24.78 17.44
C GLU B 182 16.43 -24.35 16.17
N PTR B 183 15.12 -24.53 16.17
CA PTR B 183 14.30 -24.00 15.13
C PTR B 183 13.02 -23.49 15.62
O PTR B 183 12.67 -23.74 16.73
CB PTR B 183 13.99 -24.96 14.01
CG PTR B 183 13.36 -26.20 14.50
CD1 PTR B 183 12.07 -26.26 14.95
CD2 PTR B 183 14.13 -27.33 14.44
CE1 PTR B 183 11.54 -27.47 15.38
CE2 PTR B 183 13.62 -28.52 14.88
CZ PTR B 183 12.33 -28.60 15.33
OH PTR B 183 11.91 -29.82 15.74
P PTR B 183 10.57 -30.54 15.29
O1P PTR B 183 10.79 -31.94 15.76
O2P PTR B 183 10.52 -30.51 13.81
O3P PTR B 183 9.55 -29.75 16.03
N TYR B 184 12.32 -22.76 14.76
CA TYR B 184 11.05 -22.14 15.11
C TYR B 184 10.08 -22.37 13.95
N LYS B 185 8.95 -23.02 14.24
CA LYS B 185 7.92 -23.30 13.24
C LYS B 185 6.80 -22.30 13.42
N VAL B 186 6.34 -21.72 12.32
CA VAL B 186 5.51 -20.52 12.31
C VAL B 186 4.04 -20.88 12.10
N LYS B 187 3.17 -20.46 13.01
CA LYS B 187 1.74 -20.58 12.74
C LYS B 187 1.38 -19.53 11.71
N GLU B 188 1.05 -19.94 10.47
CA GLU B 188 0.90 -18.62 9.85
C GLU B 188 -0.52 -18.32 9.39
N PRO B 189 -1.03 -17.15 9.73
CA PRO B 189 -1.43 -16.19 8.70
C PRO B 189 -0.28 -15.23 8.43
N GLY B 190 -0.27 -14.70 7.22
CA GLY B 190 0.89 -14.01 6.71
C GLY B 190 1.30 -14.52 5.34
N GLU B 191 2.42 -14.00 4.86
CA GLU B 191 2.93 -14.48 3.60
C GLU B 191 4.45 -14.34 3.57
N SER B 192 5.06 -15.00 2.59
CA SER B 192 6.48 -15.29 2.62
C SER B 192 7.17 -14.85 1.34
N PRO B 193 8.47 -14.55 1.42
CA PRO B 193 9.31 -14.39 0.21
C PRO B 193 9.85 -15.78 -0.13
N ILE B 194 9.03 -16.53 -0.86
CA ILE B 194 9.29 -17.96 -1.08
C ILE B 194 10.58 -18.21 -1.85
N PHE B 195 11.02 -17.25 -2.68
CA PHE B 195 12.21 -17.49 -3.48
C PHE B 195 13.51 -17.22 -2.72
N TRP B 196 13.43 -16.81 -1.46
CA TRP B 196 14.57 -16.74 -0.57
C TRP B 196 14.53 -17.83 0.50
N TYR B 197 13.50 -18.69 0.47
CA TYR B 197 13.19 -19.58 1.58
C TYR B 197 13.91 -20.92 1.44
N ALA B 198 14.35 -21.45 2.58
CA ALA B 198 14.88 -22.80 2.61
C ALA B 198 13.76 -23.81 2.33
N PRO B 199 14.10 -24.99 1.79
CA PRO B 199 13.03 -25.97 1.49
C PRO B 199 12.24 -26.39 2.71
N GLU B 200 12.89 -26.55 3.86
CA GLU B 200 12.17 -26.93 5.08
C GLU B 200 11.25 -25.83 5.56
N SER B 201 11.54 -24.57 5.23
CA SER B 201 10.61 -23.48 5.54
C SER B 201 9.45 -23.45 4.56
N LEU B 202 9.66 -23.93 3.34
CA LEU B 202 8.55 -24.03 2.40
C LEU B 202 7.62 -25.18 2.76
N THR B 203 8.18 -26.30 3.25
CA THR B 203 7.38 -27.48 3.53
C THR B 203 6.74 -27.42 4.91
N GLU B 204 7.51 -27.16 5.96
CA GLU B 204 6.98 -27.22 7.32
C GLU B 204 7.05 -25.88 8.04
N SER B 205 7.37 -24.79 7.33
CA SER B 205 7.54 -23.48 7.95
C SER B 205 8.54 -23.53 9.11
N LYS B 206 9.57 -24.34 8.94
CA LYS B 206 10.61 -24.47 9.95
C LYS B 206 11.69 -23.45 9.64
N PHE B 207 11.96 -22.56 10.58
CA PHE B 207 12.94 -21.49 10.42
C PHE B 207 14.03 -21.61 11.47
N SER B 208 15.27 -21.45 11.03
CA SER B 208 16.43 -21.67 11.88
C SER B 208 17.58 -20.82 11.35
N VAL B 209 18.71 -20.88 12.07
CA VAL B 209 19.92 -20.23 11.57
C VAL B 209 20.31 -20.81 10.22
N ALA B 210 20.06 -22.11 10.00
CA ALA B 210 20.40 -22.72 8.73
C ALA B 210 19.57 -22.15 7.58
N SER B 211 18.29 -21.84 7.83
CA SER B 211 17.50 -21.24 6.75
C SER B 211 17.88 -19.78 6.54
N ASP B 212 18.28 -19.07 7.60
CA ASP B 212 18.91 -17.77 7.42
C ASP B 212 20.17 -17.87 6.56
N VAL B 213 20.91 -18.97 6.69
CA VAL B 213 22.10 -19.19 5.86
C VAL B 213 21.69 -19.42 4.41
N TRP B 214 20.64 -20.21 4.19
CA TRP B 214 20.08 -20.37 2.84
C TRP B 214 19.74 -19.02 2.23
N SER B 215 19.16 -18.13 3.03
CA SER B 215 18.74 -16.86 2.48
C SER B 215 19.93 -15.92 2.31
N PHE B 216 20.99 -16.13 3.08
CA PHE B 216 22.24 -15.43 2.78
C PHE B 216 22.82 -15.89 1.45
N GLY B 217 22.75 -17.19 1.17
CA GLY B 217 23.20 -17.66 -0.14
C GLY B 217 22.46 -17.00 -1.27
N VAL B 218 21.13 -16.88 -1.13
CA VAL B 218 20.36 -16.15 -2.14
C VAL B 218 20.81 -14.69 -2.20
N VAL B 219 21.13 -14.09 -1.04
CA VAL B 219 21.57 -12.70 -1.02
C VAL B 219 22.88 -12.53 -1.79
N LEU B 220 23.82 -13.47 -1.61
CA LEU B 220 25.09 -13.42 -2.33
C LEU B 220 24.85 -13.55 -3.83
N TYR B 221 23.97 -14.48 -4.22
CA TYR B 221 23.55 -14.56 -5.61
C TYR B 221 23.08 -13.20 -6.12
N GLU B 222 22.12 -12.60 -5.40
CA GLU B 222 21.64 -11.25 -5.72
C GLU B 222 22.79 -10.29 -5.96
N LEU B 223 23.72 -10.23 -5.00
CA LEU B 223 24.85 -9.31 -5.11
C LEU B 223 25.62 -9.51 -6.40
N PHE B 224 25.85 -10.77 -6.79
CA PHE B 224 26.66 -11.00 -7.98
C PHE B 224 25.86 -10.98 -9.28
N THR B 225 24.53 -10.91 -9.22
CA THR B 225 23.79 -10.59 -10.44
C THR B 225 23.75 -9.10 -10.72
N TYR B 226 24.20 -8.28 -9.77
CA TYR B 226 24.10 -6.81 -9.85
C TYR B 226 22.66 -6.37 -10.08
N ILE B 227 21.71 -7.18 -9.59
CA ILE B 227 20.28 -6.92 -9.68
C ILE B 227 19.88 -6.66 -11.13
N GLU B 228 20.43 -7.44 -12.06
CA GLU B 228 19.91 -7.42 -13.41
C GLU B 228 18.52 -8.04 -13.40
N LYS B 229 17.59 -7.42 -14.14
CA LYS B 229 16.17 -7.73 -13.93
C LYS B 229 15.84 -9.14 -14.36
N SER B 230 16.33 -9.55 -15.53
CA SER B 230 16.10 -10.91 -16.01
C SER B 230 16.65 -11.96 -15.04
N LYS B 231 17.62 -11.60 -14.21
CA LYS B 231 18.39 -12.55 -13.41
C LYS B 231 17.95 -12.58 -11.95
N SER B 232 16.81 -11.98 -11.61
CA SER B 232 16.36 -11.98 -10.23
C SER B 232 15.93 -13.38 -9.80
N PRO B 233 16.04 -13.70 -8.52
CA PRO B 233 15.67 -15.04 -8.04
C PRO B 233 14.23 -15.40 -8.42
N PRO B 234 13.25 -14.49 -8.25
CA PRO B 234 11.91 -14.82 -8.74
C PRO B 234 11.88 -15.11 -10.23
N ALA B 235 12.58 -14.31 -11.03
CA ALA B 235 12.59 -14.51 -12.47
C ALA B 235 13.19 -15.87 -12.83
N GLU B 236 14.36 -16.18 -12.27
CA GLU B 236 15.01 -17.44 -12.59
C GLU B 236 14.16 -18.64 -12.17
N PHE B 237 13.60 -18.58 -10.96
CA PHE B 237 12.78 -19.70 -10.48
C PHE B 237 11.51 -19.84 -11.32
N MET B 238 10.85 -18.72 -11.66
CA MET B 238 9.63 -18.79 -12.46
C MET B 238 9.91 -19.24 -13.88
N ARG B 239 11.14 -19.04 -14.39
CA ARG B 239 11.49 -19.65 -15.66
C ARG B 239 11.75 -21.15 -15.52
N MET B 240 12.33 -21.56 -14.40
CA MET B 240 12.65 -22.98 -14.23
C MET B 240 11.39 -23.80 -14.02
N ILE B 241 10.41 -23.26 -13.31
CA ILE B 241 9.15 -23.96 -13.09
C ILE B 241 8.09 -23.63 -14.12
N GLY B 242 8.31 -22.61 -14.96
CA GLY B 242 7.33 -22.21 -15.94
C GLY B 242 6.44 -21.08 -15.48
N ASN B 243 6.35 -20.01 -16.27
CA ASN B 243 5.51 -18.88 -15.91
C ASN B 243 4.03 -19.16 -16.05
N ASP B 244 3.65 -20.32 -16.58
CA ASP B 244 2.23 -20.69 -16.64
C ASP B 244 1.67 -21.01 -15.25
N LYS B 245 2.52 -21.36 -14.29
CA LYS B 245 1.99 -21.79 -13.00
C LYS B 245 1.61 -20.56 -12.19
N GLN B 246 0.62 -20.73 -11.32
CA GLN B 246 0.00 -19.61 -10.62
C GLN B 246 -0.30 -19.96 -9.17
N GLY B 247 0.01 -19.00 -8.30
CA GLY B 247 -0.44 -19.09 -6.91
C GLY B 247 0.24 -20.20 -6.16
N GLN B 248 -0.54 -20.89 -5.30
CA GLN B 248 0.03 -21.94 -4.45
C GLN B 248 0.76 -22.99 -5.27
N MET B 249 0.31 -23.25 -6.50
CA MET B 249 0.94 -24.29 -7.30
C MET B 249 2.42 -23.97 -7.50
N ILE B 250 2.74 -22.69 -7.68
CA ILE B 250 4.13 -22.23 -7.74
C ILE B 250 4.92 -22.83 -6.59
N VAL B 251 4.48 -22.56 -5.36
CA VAL B 251 5.22 -23.03 -4.19
C VAL B 251 5.51 -24.53 -4.32
N PHE B 252 4.46 -25.31 -4.63
CA PHE B 252 4.64 -26.75 -4.74
C PHE B 252 5.73 -27.09 -5.75
N HIS B 253 5.64 -26.49 -6.94
CA HIS B 253 6.66 -26.74 -7.95
C HIS B 253 8.02 -26.30 -7.44
N LEU B 254 8.09 -25.12 -6.80
CA LEU B 254 9.33 -24.68 -6.21
C LEU B 254 9.90 -25.75 -5.30
N ILE B 255 9.06 -26.27 -4.41
CA ILE B 255 9.49 -27.32 -3.48
C ILE B 255 10.13 -28.45 -4.25
N GLU B 256 9.45 -28.91 -5.32
CA GLU B 256 9.96 -30.08 -6.00
C GLU B 256 11.22 -29.72 -6.77
N LEU B 257 11.27 -28.52 -7.35
CA LEU B 257 12.48 -28.08 -8.02
C LEU B 257 13.64 -28.06 -7.04
N LEU B 258 13.39 -27.67 -5.79
CA LEU B 258 14.49 -27.54 -4.87
C LEU B 258 14.95 -28.89 -4.36
N LYS B 259 14.07 -29.89 -4.31
CA LYS B 259 14.53 -31.15 -3.75
C LYS B 259 15.11 -32.07 -4.81
N ASN B 260 14.91 -31.77 -6.09
CA ASN B 260 15.66 -32.36 -7.18
C ASN B 260 16.93 -31.58 -7.49
N ASN B 261 17.40 -30.78 -6.53
CA ASN B 261 18.66 -30.04 -6.63
C ASN B 261 18.66 -29.03 -7.77
N GLY B 262 17.48 -28.53 -8.14
CA GLY B 262 17.42 -27.34 -8.97
C GLY B 262 17.88 -26.14 -8.18
N ARG B 263 18.79 -25.35 -8.77
CA ARG B 263 19.37 -24.22 -8.07
C ARG B 263 19.47 -23.04 -9.03
N LEU B 264 19.66 -21.86 -8.46
CA LEU B 264 19.91 -20.68 -9.27
C LEU B 264 21.25 -20.83 -9.99
N PRO B 265 21.36 -20.34 -11.22
CA PRO B 265 22.60 -20.49 -11.97
C PRO B 265 23.70 -19.58 -11.43
N ARG B 266 24.91 -19.87 -11.87
CA ARG B 266 26.01 -18.98 -11.57
C ARG B 266 25.78 -17.66 -12.29
N PRO B 267 25.73 -16.53 -11.57
CA PRO B 267 25.55 -15.24 -12.26
C PRO B 267 26.71 -15.00 -13.23
N ASP B 268 26.41 -14.29 -14.31
CA ASP B 268 27.42 -14.03 -15.33
C ASP B 268 28.63 -13.32 -14.73
N GLY B 269 29.81 -13.86 -14.95
CA GLY B 269 31.03 -13.24 -14.47
C GLY B 269 31.34 -13.50 -13.01
N CYS B 270 30.52 -14.25 -12.30
CA CYS B 270 30.79 -14.55 -10.89
C CYS B 270 31.89 -15.59 -10.81
N PRO B 271 32.92 -15.39 -9.99
CA PRO B 271 33.95 -16.43 -9.86
C PRO B 271 33.36 -17.71 -9.28
N ASP B 272 34.00 -18.82 -9.62
CA ASP B 272 33.46 -20.13 -9.28
C ASP B 272 33.49 -20.38 -7.78
N GLU B 273 34.43 -19.77 -7.05
CA GLU B 273 34.50 -20.01 -5.61
C GLU B 273 33.36 -19.30 -4.88
N ILE B 274 32.94 -18.14 -5.37
CA ILE B 274 31.76 -17.47 -4.81
C ILE B 274 30.51 -18.30 -5.08
N TYR B 275 30.39 -18.85 -6.30
CA TYR B 275 29.27 -19.72 -6.60
C TYR B 275 29.31 -20.98 -5.76
N MET B 276 30.49 -21.45 -5.39
CA MET B 276 30.58 -22.62 -4.53
C MET B 276 30.14 -22.29 -3.11
N ILE B 277 30.45 -21.08 -2.63
CA ILE B 277 29.87 -20.62 -1.37
C ILE B 277 28.35 -20.63 -1.46
N MET B 278 27.82 -20.07 -2.57
CA MET B 278 26.37 -20.01 -2.77
C MET B 278 25.75 -21.40 -2.67
N THR B 279 26.26 -22.35 -3.47
CA THR B 279 25.68 -23.70 -3.49
C THR B 279 25.90 -24.42 -2.18
N GLU B 280 26.98 -24.10 -1.46
CA GLU B 280 27.19 -24.68 -0.14
C GLU B 280 26.16 -24.19 0.86
N CYS B 281 25.64 -22.96 0.67
CA CYS B 281 24.56 -22.50 1.55
C CYS B 281 23.21 -23.03 1.11
N TRP B 282 23.11 -23.59 -0.09
CA TRP B 282 21.87 -24.14 -0.62
C TRP B 282 21.83 -25.66 -0.52
N ASN B 283 22.40 -26.21 0.54
CA ASN B 283 22.30 -27.65 0.78
C ASN B 283 20.92 -27.97 1.35
N ASN B 284 20.26 -28.99 0.79
CA ASN B 284 18.97 -29.40 1.32
C ASN B 284 19.08 -29.78 2.79
N ASN B 285 20.20 -30.38 3.20
CA ASN B 285 20.42 -30.78 4.58
C ASN B 285 20.87 -29.57 5.41
N VAL B 286 20.03 -29.17 6.38
CA VAL B 286 20.32 -27.97 7.18
C VAL B 286 21.65 -28.13 7.92
N ASN B 287 22.03 -29.37 8.27
CA ASN B 287 23.27 -29.55 9.02
C ASN B 287 24.50 -29.44 8.14
N GLN B 288 24.36 -29.60 6.82
CA GLN B 288 25.46 -29.42 5.89
C GLN B 288 25.60 -27.99 5.41
N ARG B 289 24.90 -27.04 6.03
CA ARG B 289 25.11 -25.66 5.59
C ARG B 289 26.16 -24.99 6.46
N PRO B 290 26.97 -24.10 5.88
CA PRO B 290 27.99 -23.42 6.67
C PRO B 290 27.38 -22.46 7.69
N SER B 291 28.15 -22.21 8.74
CA SER B 291 27.78 -21.21 9.73
C SER B 291 28.19 -19.82 9.24
N PHE B 292 27.52 -18.79 9.80
CA PHE B 292 27.83 -17.43 9.39
C PHE B 292 29.27 -17.05 9.75
N ARG B 293 29.82 -17.61 10.83
CA ARG B 293 31.20 -17.32 11.16
C ARG B 293 32.16 -18.01 10.18
N ASP B 294 31.83 -19.24 9.79
CA ASP B 294 32.57 -19.89 8.71
C ASP B 294 32.49 -19.05 7.44
N LEU B 295 31.31 -18.48 7.17
CA LEU B 295 31.13 -17.68 5.97
C LEU B 295 31.98 -16.42 6.01
N ALA B 296 31.98 -15.73 7.16
CA ALA B 296 32.80 -14.53 7.30
C ALA B 296 34.28 -14.84 7.13
N LEU B 297 34.76 -15.91 7.78
CA LEU B 297 36.16 -16.32 7.61
C LEU B 297 36.47 -16.58 6.13
N ARG B 298 35.61 -17.36 5.46
CA ARG B 298 35.87 -17.73 4.08
C ARG B 298 35.88 -16.51 3.17
N VAL B 299 34.96 -15.57 3.40
CA VAL B 299 34.88 -14.38 2.55
C VAL B 299 36.08 -13.48 2.80
N ASP B 300 36.46 -13.29 4.06
CA ASP B 300 37.63 -12.47 4.36
C ASP B 300 38.88 -13.08 3.76
N GLN B 301 38.95 -14.41 3.69
CA GLN B 301 40.13 -15.04 3.14
C GLN B 301 40.15 -14.98 1.61
N ILE B 302 38.97 -15.03 0.99
CA ILE B 302 38.90 -14.77 -0.46
C ILE B 302 39.32 -13.34 -0.75
N ARG B 303 38.89 -12.39 0.07
CA ARG B 303 39.28 -10.99 -0.12
C ARG B 303 40.79 -10.84 0.00
N ASP B 304 41.38 -11.45 1.04
CA ASP B 304 42.83 -11.41 1.18
C ASP B 304 43.53 -11.98 -0.05
N ASN B 305 43.00 -13.09 -0.59
CA ASN B 305 43.59 -13.66 -1.80
C ASN B 305 43.51 -12.67 -2.96
N MET B 306 42.36 -12.01 -3.12
CA MET B 306 42.18 -11.11 -4.25
C MET B 306 43.04 -9.86 -4.13
N ALA B 307 43.32 -9.41 -2.90
CA ALA B 307 44.01 -8.14 -2.70
C ALA B 307 45.53 -8.28 -2.68
N GLY B 308 46.05 -9.21 -1.88
CA GLY B 308 47.49 -9.41 -1.77
C GLY B 308 48.14 -9.97 -3.02
C10 R6M C . -24.34 8.92 -11.34
C15 R6M C . -20.48 11.77 -12.65
C17 R6M C . -22.93 11.60 -13.08
C21 R6M C . -26.93 3.17 -11.69
C24 R6M C . -30.48 4.03 -10.53
C26 R6M C . -30.96 6.36 -10.24
C28 R6M C . -33.20 7.12 -9.23
C01 R6M C . -23.02 2.81 -13.21
C02 R6M C . -24.43 2.95 -12.66
C03 R6M C . -24.95 4.20 -12.32
C05 R6M C . -24.61 6.73 -12.28
C06 R6M C . -25.84 7.10 -12.79
C07 R6M C . -26.33 8.37 -12.57
C08 R6M C . -25.57 9.28 -11.85
C14 R6M C . -21.70 10.84 -12.60
C16 R6M C . -21.46 9.63 -13.48
C19 R6M C . -23.85 7.64 -11.55
C23 R6M C . -29.16 4.31 -10.86
C25 R6M C . -31.38 5.04 -10.22
C27 R6M C . -31.96 7.48 -9.89
C29 R6M C . -34.30 8.17 -9.44
C31 R6M C . -34.60 10.24 -10.01
C32 R6M C . -33.15 9.17 -11.25
C33 R6M C . -32.16 8.01 -11.23
C34 R6M C . -29.64 6.66 -10.58
C36 R6M C . -28.74 5.63 -10.88
C38 R6M C . -25.22 1.83 -12.48
F09 R6M C . -26.05 10.54 -11.63
F35 R6M C . -29.21 7.95 -10.59
N04 R6M C . -24.11 5.38 -12.51
N11 R6M C . -23.60 9.92 -10.58
N20 R6M C . -26.19 4.26 -11.85
N22 R6M C . -28.29 3.17 -11.16
N30 R6M C . -33.75 9.38 -9.96
N37 R6M C . -26.44 1.99 -12.00
O13 R6M C . -21.47 11.30 -9.92
O18 R6M C . -21.10 9.16 -10.55
S12 R6M C . -21.97 10.29 -10.88
C10 R6M D . 12.43 -0.53 3.96
C15 R6M D . 10.55 -5.24 4.90
C17 R6M D . 11.31 -4.39 2.67
C21 R6M D . 16.51 4.22 5.53
C24 R6M D . 16.87 5.93 2.11
C26 R6M D . 15.50 5.01 0.36
C28 R6M D . 15.90 5.34 -2.16
C01 R6M D . 15.41 2.13 9.00
C02 R6M D . 15.81 2.90 7.75
C03 R6M D . 15.21 2.59 6.52
C05 R6M D . 13.46 1.19 5.27
C06 R6M D . 13.08 2.14 4.34
C07 R6M D . 12.38 1.75 3.21
C08 R6M D . 12.05 0.42 3.02
C14 R6M D . 10.34 -4.16 3.83
C16 R6M D . 8.91 -4.22 3.32
C19 R6M D . 13.14 -0.15 5.08
C23 R6M D . 16.42 4.97 3.00
C25 R6M D . 16.41 5.97 0.79
C27 R6M D . 14.99 5.00 -1.09
C29 R6M D . 15.30 6.09 -3.35
C31 R6M D . 13.59 7.08 -4.16
C32 R6M D . 13.26 6.52 -2.12
C33 R6M D . 13.92 5.94 -0.87
C34 R6M D . 15.07 4.03 1.24
C36 R6M D . 15.52 4.00 2.56
C38 R6M D . 16.77 3.88 7.80
F09 R6M D . 11.35 0.04 1.91
F35 R6M D . 14.18 3.09 0.81
N04 R6M D . 14.20 1.55 6.47
N11 R6M D . 12.10 -1.92 3.77
N20 R6M D . 15.59 3.28 5.45
N22 R6M D . 16.95 5.00 4.36
N30 R6M D . 13.86 6.18 -3.38
N37 R6M D . 17.07 4.51 6.68
O13 R6M D . 10.84 -2.56 5.98
O18 R6M D . 9.55 -1.61 4.40
S12 R6M D . 10.69 -2.52 4.52
#